data_5YK0
#
_entry.id   5YK0
#
_cell.length_a   186.963
_cell.length_b   186.963
_cell.length_c   67.286
_cell.angle_alpha   90.00
_cell.angle_beta   90.00
_cell.angle_gamma   120.00
#
_symmetry.space_group_name_H-M   'P 63 2 2'
#
loop_
_entity.id
_entity.type
_entity.pdbx_description
1 polymer 'Probable conserved ATP-binding protein ABC transporter'
2 non-polymer "ADENOSINE-5'-DIPHOSPHATE"
3 non-polymer 'SULFATE ION'
4 non-polymer GLYCEROL
5 water water
#
_entity_poly.entity_id   1
_entity_poly.type   'polypeptide(L)'
_entity_poly.pdbx_seq_one_letter_code
;GPLGSMDDGSVSDIKRGRAARNAKLASIPVGFAGRAALGLGKRLTGKSKDEVTAELMEKAANQLFTVLGELKGGAMKVGQ
ALSVMEAAIPDEFGEPYREALTKLQKDAPPLPASKVHRVLDGQLGTKWRERFSSFNDTPVASASIGQVHKAIWSDGREVA
VKIQYPGADEALRADLKTMQRMVGVLKQLSPGADVQGVVDELVERTEMELDYRLEAANQRAFAKAYHDHPRFQVPHVVAS
APKVVIQEWIEGVPMAEIIRHGTTEQRDLIGTLLAELTFDAPRRLGLMHGDAHPGNFMLLPDGRMGIIDFGAVAPMPGGF
PIELGMTIRLAREKNYDLLLPTMEKAGLIQRGRQVSVREIDEMLRQYVEPIQVEVFHYTRKWLQKMTVSQIDRSVAQIRT
ARQMDLPAKLAIPMRVIASVGAILCQLDAHVPIKALSEELIPGFAEPDAIVV
;
_entity_poly.pdbx_strand_id   A
#
loop_
_chem_comp.id
_chem_comp.type
_chem_comp.name
_chem_comp.formula
ADP non-polymer ADENOSINE-5'-DIPHOSPHATE 'C10 H15 N5 O10 P2'
GOL non-polymer GLYCEROL 'C3 H8 O3'
SO4 non-polymer 'SULFATE ION' 'O4 S -2'
#
# COMPACT_ATOMS: atom_id res chain seq x y z
N ASP A 50 14.00 -17.69 -15.04
CA ASP A 50 13.98 -16.60 -14.08
C ASP A 50 12.56 -16.29 -13.61
N GLU A 51 11.58 -16.70 -14.42
CA GLU A 51 10.18 -16.60 -14.04
C GLU A 51 9.94 -17.47 -12.80
N VAL A 52 10.69 -18.56 -12.72
CA VAL A 52 10.62 -19.48 -11.60
C VAL A 52 11.13 -18.82 -10.32
N THR A 53 12.25 -18.12 -10.44
CA THR A 53 12.91 -17.51 -9.29
C THR A 53 12.01 -16.48 -8.59
N ALA A 54 11.27 -15.70 -9.36
CA ALA A 54 10.36 -14.71 -8.79
C ALA A 54 9.30 -15.38 -7.92
N GLU A 55 8.71 -16.45 -8.44
CA GLU A 55 7.68 -17.20 -7.72
C GLU A 55 8.28 -17.91 -6.51
N LEU A 56 9.52 -18.35 -6.62
CA LEU A 56 10.22 -18.97 -5.50
C LEU A 56 10.42 -17.95 -4.38
N MET A 57 10.77 -16.73 -4.77
CA MET A 57 10.95 -15.65 -3.80
C MET A 57 9.62 -15.31 -3.14
N GLU A 58 8.55 -15.28 -3.93
CA GLU A 58 7.22 -15.04 -3.39
C GLU A 58 6.85 -16.10 -2.36
N LYS A 59 7.13 -17.36 -2.71
CA LYS A 59 6.83 -18.48 -1.83
C LYS A 59 7.65 -18.39 -0.54
N ALA A 60 8.92 -18.01 -0.66
CA ALA A 60 9.77 -17.86 0.51
C ALA A 60 9.26 -16.75 1.43
N ALA A 61 8.83 -15.65 0.82
CA ALA A 61 8.27 -14.53 1.57
C ALA A 61 7.01 -14.95 2.33
N ASN A 62 6.12 -15.65 1.64
CA ASN A 62 4.90 -16.14 2.29
C ASN A 62 5.19 -17.14 3.41
N GLN A 63 6.18 -18.01 3.19
CA GLN A 63 6.62 -18.94 4.22
C GLN A 63 7.09 -18.18 5.46
N LEU A 64 7.95 -17.19 5.23
CA LEU A 64 8.48 -16.38 6.31
C LEU A 64 7.37 -15.71 7.08
N PHE A 65 6.41 -15.13 6.37
CA PHE A 65 5.33 -14.44 7.06
C PHE A 65 4.44 -15.42 7.81
N THR A 66 4.32 -16.64 7.31
CA THR A 66 3.58 -17.68 8.02
C THR A 66 4.29 -18.00 9.34
N VAL A 67 5.61 -18.14 9.27
CA VAL A 67 6.39 -18.39 10.48
C VAL A 67 6.28 -17.22 11.47
N LEU A 68 6.29 -16.00 10.93
CA LEU A 68 6.07 -14.80 11.74
C LEU A 68 4.72 -14.89 12.45
N GLY A 69 3.70 -15.36 11.74
CA GLY A 69 2.38 -15.51 12.33
C GLY A 69 2.37 -16.56 13.44
N GLU A 70 3.11 -17.63 13.23
CA GLU A 70 3.21 -18.69 14.24
C GLU A 70 3.90 -18.18 15.50
N LEU A 71 4.99 -17.44 15.34
CA LEU A 71 5.80 -17.02 16.49
C LEU A 71 5.26 -15.78 17.21
N LYS A 72 4.60 -14.89 16.49
CA LYS A 72 4.19 -13.61 17.05
C LYS A 72 2.68 -13.51 17.25
N GLY A 73 1.94 -14.46 16.68
CA GLY A 73 0.50 -14.40 16.72
C GLY A 73 -0.21 -15.66 17.21
N GLY A 74 -0.12 -16.73 16.41
CA GLY A 74 -0.89 -17.94 16.66
C GLY A 74 -0.43 -18.75 17.85
N ALA A 75 0.82 -18.58 18.25
CA ALA A 75 1.42 -19.29 19.38
C ALA A 75 1.47 -20.81 19.16
N MET A 76 1.41 -21.21 17.90
CA MET A 76 1.65 -22.60 17.51
C MET A 76 1.87 -22.68 16.02
N LYS A 77 2.39 -23.81 15.56
CA LYS A 77 2.62 -24.03 14.14
C LYS A 77 1.29 -24.09 13.39
N VAL A 78 1.30 -23.72 12.12
CA VAL A 78 0.08 -23.63 11.35
C VAL A 78 -0.60 -25.00 11.17
N GLY A 79 0.19 -26.06 11.11
CA GLY A 79 -0.35 -27.41 10.97
C GLY A 79 -1.09 -27.87 12.22
N GLN A 80 -0.48 -27.62 13.37
CA GLN A 80 -1.09 -27.95 14.65
C GLN A 80 -2.39 -27.16 14.83
N ALA A 81 -2.30 -25.87 14.53
CA ALA A 81 -3.46 -24.99 14.59
C ALA A 81 -4.56 -25.52 13.68
N LEU A 82 -4.16 -26.00 12.51
CA LEU A 82 -5.12 -26.51 11.53
C LEU A 82 -5.84 -27.75 12.07
N SER A 83 -5.10 -28.63 12.74
CA SER A 83 -5.70 -29.80 13.38
C SER A 83 -6.73 -29.39 14.42
N VAL A 84 -6.32 -28.46 15.31
CA VAL A 84 -7.23 -27.96 16.33
C VAL A 84 -8.49 -27.34 15.71
N MET A 85 -8.29 -26.54 14.67
CA MET A 85 -9.39 -25.84 14.01
C MET A 85 -10.38 -26.81 13.37
N GLU A 86 -9.84 -27.85 12.74
CA GLU A 86 -10.70 -28.81 12.08
C GLU A 86 -11.48 -29.61 13.11
N ALA A 87 -10.89 -29.84 14.28
CA ALA A 87 -11.65 -30.48 15.35
C ALA A 87 -12.70 -29.54 15.95
N ALA A 88 -12.37 -28.25 16.05
CA ALA A 88 -13.18 -27.30 16.81
C ALA A 88 -14.20 -26.55 15.96
N ILE A 89 -14.17 -26.77 14.65
CA ILE A 89 -15.13 -26.13 13.75
C ILE A 89 -15.99 -27.18 13.09
N PRO A 90 -17.32 -27.07 13.25
CA PRO A 90 -18.29 -28.04 12.71
C PRO A 90 -18.09 -28.27 11.22
N ASP A 91 -18.16 -29.53 10.79
CA ASP A 91 -18.03 -29.86 9.38
C ASP A 91 -19.21 -29.33 8.58
N GLU A 92 -20.27 -28.98 9.28
CA GLU A 92 -21.51 -28.49 8.66
C GLU A 92 -21.28 -27.12 8.03
N PHE A 93 -20.21 -26.44 8.47
CA PHE A 93 -19.85 -25.13 7.92
C PHE A 93 -18.89 -25.28 6.76
N GLY A 94 -18.51 -26.52 6.46
CA GLY A 94 -17.54 -26.78 5.41
C GLY A 94 -18.12 -26.65 4.02
N GLU A 95 -19.23 -27.33 3.79
CA GLU A 95 -19.86 -27.38 2.47
C GLU A 95 -20.42 -26.03 1.98
N PRO A 96 -21.11 -25.26 2.85
CA PRO A 96 -21.49 -23.91 2.41
C PRO A 96 -20.29 -23.06 1.97
N TYR A 97 -19.24 -23.05 2.81
CA TYR A 97 -18.01 -22.33 2.50
C TYR A 97 -17.47 -22.72 1.12
N ARG A 98 -17.61 -23.99 0.77
CA ARG A 98 -17.19 -24.45 -0.55
C ARG A 98 -18.07 -23.88 -1.65
N GLU A 99 -19.39 -23.95 -1.45
CA GLU A 99 -20.36 -23.51 -2.46
C GLU A 99 -20.33 -22.01 -2.65
N ALA A 100 -19.96 -21.30 -1.60
CA ALA A 100 -19.80 -19.86 -1.70
C ALA A 100 -18.57 -19.49 -2.54
N LEU A 101 -17.62 -20.42 -2.71
CA LEU A 101 -16.32 -20.12 -3.32
C LEU A 101 -16.10 -20.44 -4.82
N THR A 102 -16.98 -21.23 -5.42
CA THR A 102 -16.82 -21.68 -6.81
C THR A 102 -17.80 -21.05 -7.79
N LYS A 103 -18.53 -20.02 -7.37
CA LYS A 103 -19.19 -19.16 -8.34
C LYS A 103 -18.14 -18.19 -8.88
N LEU A 104 -17.18 -17.86 -8.01
CA LEU A 104 -16.05 -17.05 -8.41
C LEU A 104 -15.19 -17.84 -9.38
N GLN A 105 -15.21 -19.16 -9.23
CA GLN A 105 -14.47 -20.06 -10.12
C GLN A 105 -15.23 -20.28 -11.43
N LYS A 106 -16.50 -19.90 -11.41
CA LYS A 106 -17.40 -20.09 -12.53
C LYS A 106 -17.03 -19.36 -13.83
N ASP A 107 -16.59 -18.12 -13.72
CA ASP A 107 -16.08 -17.40 -14.88
C ASP A 107 -14.76 -16.72 -14.58
N ALA A 108 -13.71 -17.54 -14.44
CA ALA A 108 -12.36 -17.08 -14.12
C ALA A 108 -11.74 -16.21 -15.19
N PRO A 109 -12.01 -16.60 -16.52
CA PRO A 109 -11.37 -15.75 -17.52
C PRO A 109 -12.19 -14.48 -17.64
N PRO A 110 -11.83 -13.58 -18.66
CA PRO A 110 -12.63 -12.35 -18.62
C PRO A 110 -14.10 -12.69 -18.78
N LEU A 111 -14.94 -12.00 -18.04
CA LEU A 111 -16.39 -12.20 -18.09
C LEU A 111 -16.91 -12.03 -19.50
N PRO A 112 -17.77 -12.96 -19.93
CA PRO A 112 -18.50 -12.76 -21.19
C PRO A 112 -19.35 -11.51 -21.10
N ALA A 113 -19.70 -10.93 -22.24
CA ALA A 113 -20.44 -9.67 -22.28
C ALA A 113 -21.71 -9.72 -21.44
N SER A 114 -22.41 -10.86 -21.50
CA SER A 114 -23.68 -11.02 -20.81
C SER A 114 -23.57 -10.81 -19.30
N LYS A 115 -22.56 -11.41 -18.68
CA LYS A 115 -22.37 -11.28 -17.23
C LYS A 115 -21.91 -9.88 -16.84
N VAL A 116 -21.11 -9.26 -17.70
CA VAL A 116 -20.72 -7.86 -17.52
C VAL A 116 -21.96 -6.97 -17.47
N HIS A 117 -22.82 -7.15 -18.47
CA HIS A 117 -24.05 -6.40 -18.58
C HIS A 117 -24.96 -6.70 -17.39
N ARG A 118 -24.87 -7.91 -16.85
CA ARG A 118 -25.68 -8.29 -15.70
C ARG A 118 -25.23 -7.55 -14.44
N VAL A 119 -23.91 -7.47 -14.23
CA VAL A 119 -23.38 -6.72 -13.11
C VAL A 119 -23.81 -5.26 -13.24
N LEU A 120 -23.65 -4.71 -14.45
CA LEU A 120 -24.08 -3.34 -14.70
C LEU A 120 -25.57 -3.15 -14.42
N ASP A 121 -26.38 -4.15 -14.77
CA ASP A 121 -27.81 -4.12 -14.46
C ASP A 121 -28.01 -3.98 -12.95
N GLY A 122 -27.28 -4.80 -12.22
CA GLY A 122 -27.40 -4.81 -10.77
C GLY A 122 -26.97 -3.51 -10.10
N GLN A 123 -25.98 -2.84 -10.67
CA GLN A 123 -25.41 -1.67 -9.99
C GLN A 123 -25.94 -0.32 -10.48
N LEU A 124 -26.20 -0.22 -11.78
CA LEU A 124 -26.64 1.05 -12.36
C LEU A 124 -28.07 0.96 -12.91
N GLY A 125 -28.67 -0.22 -12.83
CA GLY A 125 -30.01 -0.42 -13.35
C GLY A 125 -29.99 -1.00 -14.76
N THR A 126 -31.11 -1.57 -15.18
CA THR A 126 -31.22 -2.19 -16.49
C THR A 126 -31.13 -1.17 -17.64
N LYS A 127 -31.22 0.11 -17.32
CA LYS A 127 -31.08 1.16 -18.33
C LYS A 127 -29.71 1.83 -18.26
N TRP A 128 -28.70 1.10 -17.78
CA TRP A 128 -27.37 1.67 -17.60
C TRP A 128 -26.77 2.22 -18.90
N ARG A 129 -27.14 1.62 -20.03
CA ARG A 129 -26.61 2.05 -21.32
C ARG A 129 -26.91 3.52 -21.64
N GLU A 130 -28.01 4.02 -21.09
CA GLU A 130 -28.40 5.42 -21.29
C GLU A 130 -27.43 6.39 -20.63
N ARG A 131 -26.63 5.89 -19.70
CA ARG A 131 -25.66 6.75 -19.01
C ARG A 131 -24.36 6.84 -19.80
N PHE A 132 -24.23 5.98 -20.81
CA PHE A 132 -23.03 5.96 -21.63
C PHE A 132 -23.31 6.51 -23.03
N SER A 133 -22.27 6.98 -23.69
CA SER A 133 -22.34 7.24 -25.12
C SER A 133 -22.02 5.94 -25.85
N SER A 134 -21.02 5.22 -25.34
CA SER A 134 -20.72 3.88 -25.86
C SER A 134 -19.99 3.04 -24.82
N PHE A 135 -19.96 1.72 -25.02
CA PHE A 135 -19.33 0.80 -24.08
C PHE A 135 -18.67 -0.36 -24.81
N ASN A 136 -17.37 -0.54 -24.57
CA ASN A 136 -16.63 -1.64 -25.17
C ASN A 136 -16.76 -2.93 -24.36
N ASP A 137 -17.40 -3.94 -24.94
CA ASP A 137 -17.63 -5.21 -24.24
C ASP A 137 -16.36 -6.00 -23.97
N THR A 138 -15.28 -5.67 -24.66
CA THR A 138 -14.01 -6.34 -24.46
C THR A 138 -13.15 -5.58 -23.45
N PRO A 139 -12.88 -6.20 -22.29
CA PRO A 139 -12.10 -5.56 -21.22
C PRO A 139 -10.69 -5.20 -21.67
N VAL A 140 -10.16 -4.11 -21.13
CA VAL A 140 -8.83 -3.64 -21.52
C VAL A 140 -7.79 -3.98 -20.45
N ALA A 141 -8.25 -4.33 -19.26
CA ALA A 141 -7.34 -4.62 -18.17
C ALA A 141 -8.00 -5.48 -17.10
N SER A 142 -7.18 -6.04 -16.23
CA SER A 142 -7.69 -6.85 -15.12
C SER A 142 -7.54 -6.11 -13.80
N ALA A 143 -8.52 -6.28 -12.92
CA ALA A 143 -8.43 -5.75 -11.56
C ALA A 143 -8.31 -6.92 -10.59
N SER A 144 -8.08 -6.61 -9.32
CA SER A 144 -7.86 -7.64 -8.31
C SER A 144 -9.01 -8.63 -8.23
N ILE A 145 -10.24 -8.12 -8.16
CA ILE A 145 -11.42 -8.98 -8.19
C ILE A 145 -12.45 -8.50 -9.22
N GLY A 146 -11.95 -8.05 -10.36
CA GLY A 146 -12.82 -7.59 -11.44
C GLY A 146 -12.05 -7.30 -12.71
N GLN A 147 -12.71 -6.65 -13.66
CA GLN A 147 -12.05 -6.28 -14.91
C GLN A 147 -12.45 -4.86 -15.32
N VAL A 148 -11.61 -4.23 -16.11
CA VAL A 148 -11.82 -2.83 -16.48
C VAL A 148 -12.15 -2.69 -17.96
N HIS A 149 -13.18 -1.91 -18.24
CA HIS A 149 -13.58 -1.64 -19.62
C HIS A 149 -13.36 -0.17 -19.96
N LYS A 150 -13.02 0.09 -21.21
CA LYS A 150 -12.98 1.46 -21.70
C LYS A 150 -14.33 1.80 -22.29
N ALA A 151 -14.80 3.02 -22.04
CA ALA A 151 -16.10 3.42 -22.53
C ALA A 151 -16.16 4.92 -22.74
N ILE A 152 -17.28 5.40 -23.28
CA ILE A 152 -17.51 6.82 -23.42
C ILE A 152 -18.79 7.21 -22.70
N TRP A 153 -18.64 8.13 -21.75
CA TRP A 153 -19.74 8.63 -20.93
C TRP A 153 -20.68 9.48 -21.76
N SER A 154 -21.88 9.73 -21.22
CA SER A 154 -22.90 10.48 -21.95
C SER A 154 -22.48 11.92 -22.24
N ASP A 155 -21.52 12.46 -21.49
CA ASP A 155 -21.06 13.82 -21.75
C ASP A 155 -19.89 13.84 -22.74
N GLY A 156 -19.51 12.68 -23.23
CA GLY A 156 -18.47 12.58 -24.25
C GLY A 156 -17.08 12.30 -23.71
N ARG A 157 -16.96 12.21 -22.39
CA ARG A 157 -15.67 11.90 -21.77
C ARG A 157 -15.37 10.40 -21.86
N GLU A 158 -14.12 10.06 -22.14
CA GLU A 158 -13.68 8.67 -22.08
C GLU A 158 -13.51 8.26 -20.62
N VAL A 159 -13.98 7.07 -20.28
CA VAL A 159 -13.92 6.58 -18.91
C VAL A 159 -13.45 5.14 -18.80
N ALA A 160 -12.84 4.84 -17.65
CA ALA A 160 -12.58 3.47 -17.22
C ALA A 160 -13.71 3.02 -16.30
N VAL A 161 -14.26 1.85 -16.61
CA VAL A 161 -15.34 1.27 -15.84
C VAL A 161 -14.84 -0.04 -15.22
N LYS A 162 -14.67 -0.04 -13.90
CA LYS A 162 -14.29 -1.25 -13.21
C LYS A 162 -15.51 -2.03 -12.76
N ILE A 163 -15.59 -3.26 -13.26
CA ILE A 163 -16.68 -4.19 -13.04
C ILE A 163 -16.22 -5.34 -12.14
N GLN A 164 -16.84 -5.46 -10.97
CA GLN A 164 -16.49 -6.52 -10.04
C GLN A 164 -17.09 -7.86 -10.46
N TYR A 165 -16.30 -8.92 -10.36
CA TYR A 165 -16.79 -10.27 -10.65
C TYR A 165 -17.98 -10.60 -9.75
N PRO A 166 -19.05 -11.15 -10.34
CA PRO A 166 -20.33 -11.39 -9.65
C PRO A 166 -20.22 -12.32 -8.43
N GLY A 167 -19.30 -13.27 -8.46
CA GLY A 167 -19.15 -14.22 -7.37
C GLY A 167 -18.10 -13.83 -6.33
N ALA A 168 -17.56 -12.63 -6.46
CA ALA A 168 -16.48 -12.17 -5.57
C ALA A 168 -16.98 -11.86 -4.16
N ASP A 169 -18.12 -11.19 -4.07
CA ASP A 169 -18.68 -10.77 -2.79
C ASP A 169 -18.92 -11.96 -1.87
N GLU A 170 -19.70 -12.92 -2.35
CA GLU A 170 -20.04 -14.11 -1.58
C GLU A 170 -18.80 -14.88 -1.13
N ALA A 171 -17.87 -15.07 -2.06
CA ALA A 171 -16.65 -15.82 -1.80
C ALA A 171 -15.79 -15.15 -0.74
N LEU A 172 -15.56 -13.85 -0.89
CA LEU A 172 -14.72 -13.11 0.04
C LEU A 172 -15.35 -13.02 1.42
N ARG A 173 -16.68 -12.90 1.48
CA ARG A 173 -17.35 -12.82 2.77
C ARG A 173 -17.38 -14.18 3.47
N ALA A 174 -17.48 -15.26 2.69
CA ALA A 174 -17.43 -16.60 3.27
C ALA A 174 -16.03 -16.87 3.82
N ASP A 175 -15.03 -16.45 3.07
CA ASP A 175 -13.63 -16.56 3.48
C ASP A 175 -13.40 -15.78 4.78
N LEU A 176 -13.97 -14.58 4.84
CA LEU A 176 -13.91 -13.77 6.05
C LEU A 176 -14.55 -14.48 7.24
N LYS A 177 -15.72 -15.07 7.03
CA LYS A 177 -16.42 -15.80 8.10
C LYS A 177 -15.54 -16.94 8.63
N THR A 178 -14.99 -17.73 7.71
CA THR A 178 -14.12 -18.84 8.08
C THR A 178 -12.92 -18.36 8.90
N MET A 179 -12.28 -17.28 8.46
CA MET A 179 -11.10 -16.79 9.17
C MET A 179 -11.47 -16.20 10.53
N GLN A 180 -12.67 -15.63 10.65
CA GLN A 180 -13.17 -15.18 11.93
C GLN A 180 -13.31 -16.36 12.91
N ARG A 181 -13.91 -17.44 12.42
CA ARG A 181 -14.05 -18.64 13.24
C ARG A 181 -12.68 -19.16 13.70
N MET A 182 -11.74 -19.20 12.76
CA MET A 182 -10.39 -19.66 13.08
C MET A 182 -9.72 -18.77 14.13
N VAL A 183 -9.90 -17.45 14.03
CA VAL A 183 -9.39 -16.54 15.03
C VAL A 183 -10.00 -16.88 16.39
N GLY A 184 -11.30 -17.17 16.40
CA GLY A 184 -11.97 -17.58 17.63
C GLY A 184 -11.33 -18.80 18.24
N VAL A 185 -11.02 -19.79 17.39
CA VAL A 185 -10.37 -21.00 17.83
C VAL A 185 -9.02 -20.69 18.48
N LEU A 186 -8.22 -19.86 17.82
CA LEU A 186 -6.91 -19.48 18.36
C LEU A 186 -7.05 -18.75 19.70
N LYS A 187 -7.97 -17.81 19.78
CA LYS A 187 -8.16 -17.01 20.98
C LYS A 187 -8.56 -17.89 22.17
N GLN A 188 -9.44 -18.86 21.92
CA GLN A 188 -9.94 -19.69 23.01
C GLN A 188 -9.01 -20.86 23.39
N LEU A 189 -8.33 -21.43 22.41
CA LEU A 189 -7.68 -22.72 22.60
C LEU A 189 -6.16 -22.75 22.42
N SER A 190 -5.60 -21.68 21.85
CA SER A 190 -4.15 -21.63 21.68
C SER A 190 -3.53 -20.76 22.77
N PRO A 191 -2.85 -21.39 23.74
CA PRO A 191 -2.28 -20.70 24.90
C PRO A 191 -1.28 -19.62 24.50
N GLY A 192 -1.50 -18.40 24.96
CA GLY A 192 -0.59 -17.30 24.71
C GLY A 192 -0.73 -16.65 23.34
N ALA A 193 -1.80 -16.98 22.63
CA ALA A 193 -2.04 -16.40 21.31
C ALA A 193 -2.33 -14.90 21.40
N ASP A 194 -1.83 -14.16 20.42
CA ASP A 194 -2.09 -12.73 20.31
C ASP A 194 -2.85 -12.46 19.02
N VAL A 195 -4.17 -12.35 19.12
CA VAL A 195 -5.02 -12.11 17.96
C VAL A 195 -5.69 -10.74 18.05
N GLN A 196 -5.14 -9.90 18.93
CA GLN A 196 -5.64 -8.55 19.15
C GLN A 196 -5.73 -7.76 17.85
N GLY A 197 -6.93 -7.29 17.52
CA GLY A 197 -7.13 -6.44 16.35
C GLY A 197 -7.17 -7.14 15.01
N VAL A 198 -7.02 -8.47 15.00
CA VAL A 198 -6.94 -9.22 13.74
C VAL A 198 -8.29 -9.27 13.01
N VAL A 199 -9.36 -9.59 13.73
CA VAL A 199 -10.69 -9.64 13.12
C VAL A 199 -11.05 -8.31 12.48
N ASP A 200 -10.82 -7.22 13.21
CA ASP A 200 -11.10 -5.87 12.69
C ASP A 200 -10.34 -5.61 11.39
N GLU A 201 -9.07 -6.03 11.35
CA GLU A 201 -8.25 -5.86 10.16
C GLU A 201 -8.83 -6.67 8.99
N LEU A 202 -9.25 -7.90 9.26
CA LEU A 202 -9.83 -8.75 8.23
C LEU A 202 -11.10 -8.15 7.66
N VAL A 203 -11.98 -7.68 8.54
CA VAL A 203 -13.23 -7.06 8.13
C VAL A 203 -12.97 -5.81 7.29
N GLU A 204 -12.06 -4.96 7.76
CA GLU A 204 -11.74 -3.73 7.06
C GLU A 204 -11.17 -4.00 5.66
N ARG A 205 -10.21 -4.92 5.57
CA ARG A 205 -9.63 -5.30 4.29
C ARG A 205 -10.69 -5.83 3.34
N THR A 206 -11.53 -6.73 3.85
CA THR A 206 -12.58 -7.34 3.04
C THR A 206 -13.53 -6.27 2.48
N GLU A 207 -13.94 -5.35 3.34
CA GLU A 207 -14.87 -4.30 2.95
C GLU A 207 -14.24 -3.37 1.94
N MET A 208 -12.95 -3.07 2.12
CA MET A 208 -12.24 -2.21 1.18
C MET A 208 -12.13 -2.88 -0.19
N GLU A 209 -12.02 -4.21 -0.20
CA GLU A 209 -11.97 -4.93 -1.47
C GLU A 209 -13.33 -5.01 -2.15
N LEU A 210 -14.39 -5.18 -1.36
CA LEU A 210 -15.71 -5.49 -1.92
C LEU A 210 -16.59 -4.27 -2.21
N ASP A 211 -16.44 -3.20 -1.44
CA ASP A 211 -17.24 -2.01 -1.65
C ASP A 211 -16.44 -0.91 -2.33
N TYR A 212 -16.60 -0.79 -3.64
CA TYR A 212 -15.83 0.15 -4.45
C TYR A 212 -16.04 1.62 -4.07
N ARG A 213 -17.14 1.90 -3.37
CA ARG A 213 -17.47 3.28 -3.00
C ARG A 213 -16.46 3.89 -2.02
N LEU A 214 -15.80 3.05 -1.23
CA LEU A 214 -14.82 3.54 -0.26
C LEU A 214 -13.60 4.16 -0.95
N GLU A 215 -12.94 3.36 -1.77
CA GLU A 215 -11.83 3.84 -2.57
C GLU A 215 -12.30 5.00 -3.46
N ALA A 216 -13.53 4.91 -3.96
CA ALA A 216 -14.07 6.01 -4.75
C ALA A 216 -14.07 7.33 -3.97
N ALA A 217 -14.46 7.28 -2.70
CA ALA A 217 -14.50 8.47 -1.86
C ALA A 217 -13.10 9.04 -1.64
N ASN A 218 -12.15 8.14 -1.33
CA ASN A 218 -10.75 8.58 -1.22
C ASN A 218 -10.29 9.30 -2.49
N GLN A 219 -10.58 8.68 -3.63
CA GLN A 219 -10.19 9.23 -4.92
C GLN A 219 -10.85 10.58 -5.17
N ARG A 220 -12.09 10.76 -4.70
CA ARG A 220 -12.76 12.04 -4.86
C ARG A 220 -12.02 13.13 -4.09
N ALA A 221 -11.64 12.81 -2.85
CA ALA A 221 -10.85 13.75 -2.06
C ALA A 221 -9.58 14.19 -2.82
N PHE A 222 -8.84 13.20 -3.34
CA PHE A 222 -7.62 13.53 -4.05
C PHE A 222 -7.86 14.29 -5.37
N ALA A 223 -8.90 13.91 -6.09
CA ALA A 223 -9.24 14.54 -7.37
C ALA A 223 -9.57 16.00 -7.15
N LYS A 224 -10.24 16.28 -6.05
CA LYS A 224 -10.56 17.66 -5.70
C LYS A 224 -9.28 18.41 -5.35
N ALA A 225 -8.44 17.79 -4.52
CA ALA A 225 -7.22 18.45 -4.07
C ALA A 225 -6.24 18.77 -5.21
N TYR A 226 -6.10 17.86 -6.17
CA TYR A 226 -5.08 18.02 -7.20
C TYR A 226 -5.63 18.43 -8.56
N HIS A 227 -6.85 18.96 -8.57
CA HIS A 227 -7.41 19.50 -9.81
C HIS A 227 -6.54 20.63 -10.34
N ASP A 228 -6.17 20.53 -11.62
CA ASP A 228 -5.32 21.52 -12.30
C ASP A 228 -3.93 21.68 -11.66
N HIS A 229 -3.47 20.66 -10.95
CA HIS A 229 -2.12 20.69 -10.39
C HIS A 229 -1.08 20.54 -11.51
N PRO A 230 0.01 21.30 -11.42
CA PRO A 230 1.04 21.30 -12.47
C PRO A 230 1.74 19.95 -12.66
N ARG A 231 1.72 19.08 -11.66
CA ARG A 231 2.56 17.88 -11.73
C ARG A 231 1.84 16.56 -11.43
N PHE A 232 0.64 16.64 -10.87
CA PHE A 232 -0.10 15.43 -10.55
C PHE A 232 -1.48 15.42 -11.22
N GLN A 233 -1.86 14.29 -11.74
CA GLN A 233 -3.16 14.15 -12.32
C GLN A 233 -3.97 13.00 -11.70
N VAL A 234 -5.09 13.36 -11.13
CA VAL A 234 -6.01 12.41 -10.51
C VAL A 234 -7.34 12.45 -11.24
N PRO A 235 -7.70 11.34 -11.89
CA PRO A 235 -8.97 11.30 -12.64
C PRO A 235 -10.17 11.47 -11.71
N HIS A 236 -11.16 12.22 -12.16
CA HIS A 236 -12.37 12.43 -11.38
C HIS A 236 -13.23 11.18 -11.36
N VAL A 237 -13.94 10.98 -10.26
CA VAL A 237 -14.90 9.90 -10.17
C VAL A 237 -16.20 10.34 -10.84
N VAL A 238 -16.62 9.58 -11.83
CA VAL A 238 -17.82 9.89 -12.59
C VAL A 238 -19.05 9.23 -11.97
N ALA A 239 -18.88 7.99 -11.52
CA ALA A 239 -19.96 7.27 -10.84
C ALA A 239 -19.37 6.20 -9.93
N SER A 240 -20.03 5.97 -8.80
CA SER A 240 -19.57 4.96 -7.85
C SER A 240 -20.73 4.11 -7.33
N ALA A 241 -20.50 2.80 -7.31
CA ALA A 241 -21.43 1.82 -6.80
C ALA A 241 -20.62 0.73 -6.10
N PRO A 242 -21.26 -0.10 -5.27
CA PRO A 242 -20.50 -1.16 -4.59
C PRO A 242 -19.68 -2.05 -5.52
N LYS A 243 -20.21 -2.40 -6.69
CA LYS A 243 -19.54 -3.36 -7.57
C LYS A 243 -19.14 -2.77 -8.93
N VAL A 244 -19.44 -1.49 -9.13
CA VAL A 244 -19.04 -0.81 -10.36
C VAL A 244 -18.50 0.57 -10.02
N VAL A 245 -17.33 0.90 -10.52
CA VAL A 245 -16.85 2.27 -10.32
C VAL A 245 -16.35 2.85 -11.65
N ILE A 246 -16.73 4.09 -11.92
CA ILE A 246 -16.41 4.71 -13.19
C ILE A 246 -15.60 5.97 -12.97
N GLN A 247 -14.49 6.12 -13.69
CA GLN A 247 -13.67 7.32 -13.55
C GLN A 247 -13.12 7.78 -14.88
N GLU A 248 -12.67 9.03 -14.94
CA GLU A 248 -12.08 9.59 -16.16
C GLU A 248 -10.92 8.74 -16.65
N TRP A 249 -10.87 8.51 -17.95
CA TRP A 249 -9.81 7.71 -18.53
C TRP A 249 -8.52 8.50 -18.66
N ILE A 250 -7.44 7.97 -18.12
CA ILE A 250 -6.13 8.54 -18.37
C ILE A 250 -5.17 7.43 -18.76
N GLU A 251 -4.24 7.74 -19.66
CA GLU A 251 -3.21 6.77 -19.97
C GLU A 251 -1.90 7.46 -20.28
N GLY A 252 -0.83 6.79 -19.89
CA GLY A 252 0.52 7.28 -20.11
C GLY A 252 1.38 6.04 -20.07
N VAL A 253 2.65 6.24 -19.75
CA VAL A 253 3.57 5.13 -19.58
C VAL A 253 3.48 4.65 -18.14
N PRO A 254 3.03 3.40 -17.94
CA PRO A 254 2.94 2.82 -16.60
C PRO A 254 4.30 2.83 -15.91
N MET A 255 4.31 3.09 -14.61
CA MET A 255 5.56 3.14 -13.87
C MET A 255 6.32 1.82 -13.95
N ALA A 256 5.59 0.71 -14.05
CA ALA A 256 6.20 -0.61 -14.18
C ALA A 256 7.05 -0.67 -15.45
N GLU A 257 6.50 -0.10 -16.51
CA GLU A 257 7.18 -0.06 -17.80
C GLU A 257 8.43 0.80 -17.72
N ILE A 258 8.36 1.90 -16.97
CA ILE A 258 9.51 2.76 -16.78
C ILE A 258 10.59 2.08 -15.95
N ILE A 259 10.15 1.28 -14.98
CA ILE A 259 11.08 0.49 -14.17
C ILE A 259 11.83 -0.50 -15.06
N ARG A 260 11.10 -1.14 -15.97
CA ARG A 260 11.73 -2.13 -16.86
C ARG A 260 12.61 -1.51 -17.96
N HIS A 261 12.06 -0.57 -18.74
CA HIS A 261 12.76 -0.05 -19.91
C HIS A 261 12.80 1.48 -20.02
N GLY A 262 12.49 2.18 -18.93
CA GLY A 262 12.41 3.63 -18.97
C GLY A 262 13.74 4.30 -19.27
N THR A 263 13.68 5.51 -19.85
CA THR A 263 14.89 6.29 -20.03
C THR A 263 15.30 6.89 -18.69
N THR A 264 16.55 7.32 -18.60
CA THR A 264 17.06 7.96 -17.38
C THR A 264 16.15 9.11 -16.93
N GLU A 265 15.73 9.92 -17.90
CA GLU A 265 14.90 11.08 -17.61
C GLU A 265 13.49 10.70 -17.15
N GLN A 266 12.92 9.65 -17.75
CA GLN A 266 11.63 9.13 -17.31
C GLN A 266 11.70 8.64 -15.86
N ARG A 267 12.76 7.89 -15.58
CA ARG A 267 12.97 7.32 -14.25
C ARG A 267 13.11 8.42 -13.20
N ASP A 268 14.01 9.37 -13.48
CA ASP A 268 14.24 10.50 -12.58
C ASP A 268 12.95 11.29 -12.35
N LEU A 269 12.22 11.54 -13.43
CA LEU A 269 11.02 12.37 -13.34
C LEU A 269 9.93 11.69 -12.52
N ILE A 270 9.54 10.48 -12.89
CA ILE A 270 8.42 9.85 -12.19
C ILE A 270 8.82 9.52 -10.75
N GLY A 271 10.11 9.22 -10.53
CA GLY A 271 10.60 9.02 -9.18
C GLY A 271 10.46 10.27 -8.33
N THR A 272 10.91 11.39 -8.88
CA THR A 272 10.85 12.67 -8.18
C THR A 272 9.39 13.07 -7.89
N LEU A 273 8.51 12.78 -8.85
CA LEU A 273 7.09 13.05 -8.68
C LEU A 273 6.48 12.21 -7.56
N LEU A 274 6.84 10.92 -7.51
CA LEU A 274 6.35 10.04 -6.45
C LEU A 274 6.81 10.55 -5.09
N ALA A 275 8.10 10.86 -5.00
CA ALA A 275 8.68 11.39 -3.77
C ALA A 275 7.94 12.65 -3.33
N GLU A 276 7.66 13.54 -4.28
CA GLU A 276 6.95 14.77 -3.94
C GLU A 276 5.54 14.49 -3.44
N LEU A 277 4.80 13.64 -4.15
CA LEU A 277 3.44 13.29 -3.76
C LEU A 277 3.37 12.78 -2.33
N THR A 278 4.36 11.95 -2.00
CA THR A 278 4.46 11.32 -0.69
C THR A 278 4.39 12.33 0.47
N PHE A 279 5.03 13.48 0.30
CA PHE A 279 5.08 14.48 1.37
C PHE A 279 4.13 15.65 1.14
N ASP A 280 3.67 15.80 -0.09
CA ASP A 280 2.77 16.89 -0.43
C ASP A 280 1.34 16.55 0.00
N ALA A 281 0.92 15.31 -0.25
CA ALA A 281 -0.45 14.91 0.06
C ALA A 281 -0.87 15.16 1.53
N PRO A 282 -0.05 14.73 2.51
CA PRO A 282 -0.51 14.98 3.88
C PRO A 282 -0.48 16.47 4.24
N ARG A 283 0.36 17.24 3.56
CA ARG A 283 0.44 18.67 3.79
C ARG A 283 -0.74 19.37 3.14
N ARG A 284 -1.18 18.86 1.99
CA ARG A 284 -2.22 19.51 1.20
C ARG A 284 -3.64 19.19 1.66
N LEU A 285 -3.91 17.91 1.91
CA LEU A 285 -5.28 17.52 2.27
C LEU A 285 -5.34 16.61 3.48
N GLY A 286 -4.26 16.57 4.27
CA GLY A 286 -4.24 15.83 5.51
C GLY A 286 -4.44 14.34 5.32
N LEU A 287 -4.07 13.86 4.14
CA LEU A 287 -4.18 12.45 3.81
C LEU A 287 -2.89 11.96 3.18
N MET A 288 -2.56 10.70 3.40
CA MET A 288 -1.42 10.11 2.72
C MET A 288 -1.91 9.11 1.69
N HIS A 289 -1.32 9.13 0.50
CA HIS A 289 -1.76 8.23 -0.57
C HIS A 289 -1.64 6.77 -0.13
N GLY A 290 -0.74 6.51 0.82
CA GLY A 290 -0.62 5.19 1.41
C GLY A 290 0.43 4.35 0.73
N ASP A 291 0.50 3.09 1.12
CA ASP A 291 1.49 2.16 0.57
C ASP A 291 1.44 2.15 -0.95
N ALA A 292 2.60 2.40 -1.55
CA ALA A 292 2.70 2.59 -2.98
C ALA A 292 3.04 1.31 -3.72
N HIS A 293 2.52 1.20 -4.94
CA HIS A 293 2.83 0.10 -5.84
C HIS A 293 2.87 0.70 -7.24
N PRO A 294 3.83 0.25 -8.07
CA PRO A 294 4.03 0.84 -9.40
C PRO A 294 2.76 0.81 -10.27
N GLY A 295 1.87 -0.13 -10.00
CA GLY A 295 0.61 -0.22 -10.72
C GLY A 295 -0.30 0.97 -10.48
N ASN A 296 -0.05 1.71 -9.40
CA ASN A 296 -0.85 2.87 -9.07
C ASN A 296 -0.55 4.12 -9.91
N PHE A 297 0.59 4.12 -10.60
CA PHE A 297 1.10 5.37 -11.18
C PHE A 297 1.44 5.27 -12.67
N MET A 298 1.44 6.42 -13.33
CA MET A 298 1.92 6.48 -14.71
C MET A 298 2.53 7.83 -15.04
N LEU A 299 3.32 7.87 -16.12
CA LEU A 299 3.88 9.13 -16.60
C LEU A 299 3.10 9.60 -17.81
N LEU A 300 2.47 10.76 -17.70
CA LEU A 300 1.65 11.32 -18.76
C LEU A 300 2.53 12.09 -19.76
N PRO A 301 2.03 12.28 -20.99
CA PRO A 301 2.78 12.99 -22.04
C PRO A 301 3.30 14.37 -21.62
N ASP A 302 2.53 15.09 -20.81
CA ASP A 302 2.92 16.44 -20.40
C ASP A 302 3.83 16.45 -19.18
N GLY A 303 4.30 15.28 -18.76
CA GLY A 303 5.25 15.19 -17.67
C GLY A 303 4.64 15.10 -16.28
N ARG A 304 3.31 15.07 -16.21
CA ARG A 304 2.65 14.87 -14.92
C ARG A 304 2.56 13.39 -14.58
N MET A 305 2.45 13.08 -13.29
CA MET A 305 2.23 11.70 -12.87
C MET A 305 0.74 11.46 -12.64
N GLY A 306 0.20 10.48 -13.36
CA GLY A 306 -1.17 10.07 -13.16
C GLY A 306 -1.25 9.09 -12.01
N ILE A 307 -2.28 9.23 -11.19
CA ILE A 307 -2.50 8.36 -10.03
C ILE A 307 -3.90 7.76 -10.08
N ILE A 308 -4.00 6.43 -10.10
CA ILE A 308 -5.31 5.80 -10.31
C ILE A 308 -5.82 4.91 -9.18
N ASP A 309 -4.95 4.52 -8.26
CA ASP A 309 -5.38 3.63 -7.16
C ASP A 309 -5.36 4.37 -5.83
N PHE A 310 -6.47 4.32 -5.11
CA PHE A 310 -6.58 5.04 -3.85
C PHE A 310 -7.15 4.16 -2.74
N GLY A 311 -6.83 2.87 -2.80
CA GLY A 311 -7.36 1.90 -1.85
C GLY A 311 -6.58 1.83 -0.55
N ALA A 312 -5.44 2.50 -0.49
CA ALA A 312 -4.59 2.42 0.68
C ALA A 312 -4.41 3.78 1.35
N VAL A 313 -5.27 4.74 1.00
CA VAL A 313 -5.21 6.08 1.56
C VAL A 313 -5.31 6.05 3.09
N ALA A 314 -4.34 6.69 3.74
CA ALA A 314 -4.28 6.71 5.19
C ALA A 314 -4.49 8.12 5.74
N PRO A 315 -5.24 8.23 6.84
CA PRO A 315 -5.56 9.54 7.42
C PRO A 315 -4.37 10.15 8.16
N MET A 316 -4.11 11.43 7.90
CA MET A 316 -3.08 12.17 8.63
C MET A 316 -3.51 13.62 8.85
N PRO A 317 -4.51 13.82 9.72
CA PRO A 317 -5.12 15.14 9.93
C PRO A 317 -4.11 16.23 10.30
N GLY A 318 -3.11 15.87 11.10
CA GLY A 318 -2.13 16.85 11.55
C GLY A 318 -0.96 17.02 10.61
N GLY A 319 -1.02 16.38 9.45
CA GLY A 319 0.11 16.37 8.53
C GLY A 319 1.21 15.47 9.06
N PHE A 320 2.37 15.48 8.45
CA PHE A 320 3.54 14.73 8.88
C PHE A 320 4.05 15.17 10.24
N PRO A 321 4.21 14.28 11.19
CA PRO A 321 4.77 14.59 12.51
C PRO A 321 6.14 15.25 12.38
N ILE A 322 6.34 16.37 13.07
CA ILE A 322 7.57 17.14 12.96
C ILE A 322 8.77 16.34 13.50
N GLU A 323 8.48 15.40 14.40
CA GLU A 323 9.50 14.57 15.01
C GLU A 323 10.33 13.79 13.99
N LEU A 324 9.72 13.42 12.86
CA LEU A 324 10.43 12.65 11.85
C LEU A 324 11.51 13.49 11.16
N GLY A 325 11.11 14.60 10.57
CA GLY A 325 12.04 15.49 9.90
C GLY A 325 13.11 15.97 10.86
N MET A 326 12.68 16.29 12.08
CA MET A 326 13.58 16.71 13.14
C MET A 326 14.62 15.62 13.44
N THR A 327 14.16 14.39 13.59
CA THR A 327 15.04 13.26 13.85
C THR A 327 16.06 13.10 12.74
N ILE A 328 15.61 13.21 11.49
CA ILE A 328 16.53 13.04 10.37
C ILE A 328 17.59 14.14 10.34
N ARG A 329 17.16 15.39 10.56
CA ARG A 329 18.11 16.50 10.60
C ARG A 329 19.15 16.31 11.71
N LEU A 330 18.68 15.99 12.91
CA LEU A 330 19.58 15.80 14.05
C LEU A 330 20.52 14.62 13.84
N ALA A 331 20.05 13.60 13.13
CA ALA A 331 20.86 12.41 12.88
C ALA A 331 21.93 12.70 11.85
N ARG A 332 21.59 13.50 10.84
CA ARG A 332 22.56 13.91 9.85
C ARG A 332 23.71 14.66 10.52
N GLU A 333 23.36 15.53 11.46
CA GLU A 333 24.34 16.33 12.19
C GLU A 333 25.07 15.54 13.27
N LYS A 334 24.61 14.31 13.50
CA LYS A 334 25.12 13.46 14.56
C LYS A 334 25.10 14.17 15.93
N ASN A 335 24.05 14.96 16.13
CA ASN A 335 23.78 15.59 17.41
C ASN A 335 23.06 14.61 18.33
N TYR A 336 23.78 13.61 18.81
CA TYR A 336 23.16 12.53 19.59
C TYR A 336 22.57 13.03 20.90
N ASP A 337 23.18 14.07 21.45
CA ASP A 337 22.74 14.66 22.71
C ASP A 337 21.29 15.14 22.63
N LEU A 338 20.91 15.65 21.46
CA LEU A 338 19.53 16.08 21.24
C LEU A 338 18.72 15.02 20.49
N LEU A 339 19.40 14.21 19.69
CA LEU A 339 18.74 13.18 18.90
C LEU A 339 18.07 12.11 19.77
N LEU A 340 18.80 11.60 20.75
CA LEU A 340 18.26 10.50 21.55
C LEU A 340 17.02 10.89 22.37
N PRO A 341 17.05 12.04 23.08
CA PRO A 341 15.82 12.46 23.76
C PRO A 341 14.66 12.73 22.80
N THR A 342 14.95 13.30 21.63
CA THR A 342 13.92 13.55 20.63
C THR A 342 13.27 12.24 20.19
N MET A 343 14.09 11.26 19.85
CA MET A 343 13.57 9.95 19.42
C MET A 343 12.79 9.27 20.54
N GLU A 344 13.28 9.38 21.77
CA GLU A 344 12.59 8.74 22.89
C GLU A 344 11.23 9.39 23.11
N LYS A 345 11.18 10.71 23.09
CA LYS A 345 9.91 11.41 23.27
C LYS A 345 8.94 11.06 22.14
N ALA A 346 9.45 11.00 20.92
CA ALA A 346 8.61 10.67 19.77
C ALA A 346 8.13 9.22 19.80
N GLY A 347 8.85 8.37 20.52
CA GLY A 347 8.52 6.96 20.57
C GLY A 347 9.19 6.18 19.46
N LEU A 348 10.25 6.73 18.89
CA LEU A 348 11.01 6.06 17.84
C LEU A 348 11.97 5.02 18.41
N ILE A 349 12.34 5.19 19.68
CA ILE A 349 13.11 4.17 20.38
C ILE A 349 12.42 3.85 21.69
N GLN A 350 12.71 2.66 22.24
CA GLN A 350 12.15 2.25 23.51
C GLN A 350 12.64 3.13 24.65
N ARG A 351 11.73 3.51 25.54
CA ARG A 351 12.08 4.35 26.68
C ARG A 351 12.80 3.54 27.76
N GLY A 352 13.65 4.22 28.53
CA GLY A 352 14.34 3.60 29.65
C GLY A 352 15.24 2.44 29.28
N ARG A 353 15.94 2.58 28.16
CA ARG A 353 16.85 1.53 27.70
C ARG A 353 18.23 2.10 27.39
N GLN A 354 19.27 1.33 27.66
CA GLN A 354 20.61 1.65 27.18
C GLN A 354 20.63 1.44 25.68
N VAL A 355 20.94 2.49 24.92
CA VAL A 355 20.96 2.37 23.47
C VAL A 355 22.36 2.52 22.89
N SER A 356 22.57 1.86 21.75
CA SER A 356 23.82 1.98 21.02
C SER A 356 23.72 3.04 19.93
N VAL A 357 24.64 4.00 19.96
CA VAL A 357 24.68 5.05 18.95
C VAL A 357 24.89 4.44 17.56
N ARG A 358 25.73 3.42 17.48
CA ARG A 358 25.97 2.71 16.23
C ARG A 358 24.67 2.16 15.67
N GLU A 359 23.85 1.58 16.54
CA GLU A 359 22.59 1.02 16.09
C GLU A 359 21.62 2.12 15.65
N ILE A 360 21.65 3.27 16.33
CA ILE A 360 20.82 4.40 15.91
C ILE A 360 21.22 4.85 14.50
N ASP A 361 22.52 4.99 14.27
CA ASP A 361 23.04 5.35 12.96
C ASP A 361 22.57 4.36 11.89
N GLU A 362 22.66 3.08 12.21
CA GLU A 362 22.18 2.03 11.30
C GLU A 362 20.70 2.18 11.02
N MET A 363 19.95 2.49 12.08
CA MET A 363 18.51 2.62 12.03
C MET A 363 18.05 3.76 11.14
N LEU A 364 18.80 4.86 11.12
CA LEU A 364 18.37 6.05 10.39
C LEU A 364 19.11 6.25 9.07
N ARG A 365 20.09 5.38 8.81
CA ARG A 365 20.96 5.46 7.64
C ARG A 365 20.19 5.64 6.31
N GLN A 366 19.16 4.82 6.10
CA GLN A 366 18.41 4.84 4.85
C GLN A 366 17.64 6.14 4.63
N TYR A 367 17.44 6.90 5.70
CA TYR A 367 16.77 8.19 5.60
C TYR A 367 17.80 9.32 5.49
N VAL A 368 18.91 9.16 6.19
CA VAL A 368 19.92 10.21 6.26
C VAL A 368 20.76 10.32 4.99
N GLU A 369 21.23 9.19 4.47
CA GLU A 369 22.12 9.23 3.31
C GLU A 369 21.52 9.91 2.07
N PRO A 370 20.21 9.72 1.78
CA PRO A 370 19.70 10.42 0.59
C PRO A 370 19.68 11.95 0.68
N ILE A 371 19.54 12.52 1.87
CA ILE A 371 19.45 13.97 1.99
C ILE A 371 20.80 14.61 2.31
N GLN A 372 21.85 13.81 2.32
CA GLN A 372 23.20 14.32 2.53
C GLN A 372 23.77 14.89 1.22
N VAL A 373 23.04 14.67 0.14
CA VAL A 373 23.46 15.12 -1.18
C VAL A 373 22.36 15.98 -1.81
N GLU A 374 22.72 16.73 -2.84
CA GLU A 374 21.75 17.56 -3.54
C GLU A 374 20.77 16.68 -4.34
N VAL A 375 21.33 15.78 -5.13
CA VAL A 375 20.54 14.83 -5.90
C VAL A 375 20.98 13.41 -5.58
N PHE A 376 20.11 12.62 -4.97
CA PHE A 376 20.48 11.26 -4.59
C PHE A 376 20.08 10.24 -5.66
N HIS A 377 20.99 9.33 -5.96
CA HIS A 377 20.69 8.26 -6.89
C HIS A 377 20.21 7.02 -6.14
N TYR A 378 18.89 6.87 -6.05
CA TYR A 378 18.30 5.67 -5.45
C TYR A 378 18.58 4.46 -6.34
N THR A 379 19.35 3.52 -5.82
CA THR A 379 19.69 2.31 -6.57
C THR A 379 19.44 1.06 -5.74
N ARG A 380 19.26 -0.07 -6.43
CA ARG A 380 19.14 -1.35 -5.75
C ARG A 380 20.42 -1.68 -4.99
N LYS A 381 21.57 -1.32 -5.56
CA LYS A 381 22.85 -1.55 -4.90
C LYS A 381 22.90 -0.87 -3.51
N TRP A 382 22.51 0.39 -3.48
CA TRP A 382 22.48 1.15 -2.23
C TRP A 382 21.51 0.53 -1.24
N LEU A 383 20.33 0.15 -1.71
CA LEU A 383 19.31 -0.41 -0.84
C LEU A 383 19.81 -1.72 -0.24
N GLN A 384 20.56 -2.49 -1.03
CA GLN A 384 21.17 -3.71 -0.54
C GLN A 384 22.19 -3.41 0.54
N LYS A 385 22.95 -2.32 0.35
CA LYS A 385 23.89 -1.90 1.38
C LYS A 385 23.18 -1.51 2.67
N MET A 386 21.94 -1.04 2.55
CA MET A 386 21.17 -0.62 3.72
C MET A 386 20.66 -1.80 4.54
N THR A 387 20.73 -3.01 3.99
CA THR A 387 20.28 -4.19 4.71
C THR A 387 21.44 -4.87 5.42
N VAL A 388 22.67 -4.42 5.13
CA VAL A 388 23.86 -4.98 5.76
C VAL A 388 24.03 -4.43 7.17
N SER A 389 23.84 -5.29 8.16
CA SER A 389 23.82 -4.88 9.56
C SER A 389 25.17 -4.35 10.03
N GLN A 390 25.16 -3.30 10.77
CA GLN A 390 26.35 -2.79 11.34
C GLN A 390 26.94 -3.62 12.51
N ILE A 391 26.08 -4.24 13.30
CA ILE A 391 26.49 -4.95 14.50
C ILE A 391 26.28 -6.46 14.38
N ASP A 392 27.38 -7.19 14.25
CA ASP A 392 27.34 -8.65 14.27
C ASP A 392 26.97 -9.12 15.69
N ARG A 393 26.07 -10.07 15.74
CA ARG A 393 25.56 -10.58 16.99
C ARG A 393 26.59 -11.40 17.76
N SER A 394 27.65 -11.78 17.08
CA SER A 394 28.76 -12.48 17.70
C SER A 394 29.64 -11.48 18.45
N VAL A 395 29.67 -10.25 17.95
CA VAL A 395 30.44 -9.19 18.60
C VAL A 395 29.75 -8.73 19.89
N ALA A 396 28.46 -8.42 19.79
CA ALA A 396 27.70 -7.94 20.93
C ALA A 396 26.23 -8.37 20.86
N GLN A 397 25.74 -8.94 21.95
CA GLN A 397 24.34 -9.33 22.06
C GLN A 397 23.51 -8.23 22.74
N ILE A 398 22.86 -7.39 21.94
CA ILE A 398 22.03 -6.33 22.48
C ILE A 398 20.59 -6.49 22.02
N ARG A 399 19.66 -5.97 22.80
CA ARG A 399 18.27 -5.89 22.33
C ARG A 399 18.13 -4.58 21.57
N THR A 400 17.46 -4.64 20.43
CA THR A 400 17.40 -3.50 19.53
C THR A 400 16.72 -2.30 20.17
N ALA A 401 17.23 -1.11 19.86
CA ALA A 401 16.63 0.12 20.36
C ALA A 401 15.36 0.45 19.59
N ARG A 402 15.18 -0.23 18.45
CA ARG A 402 14.04 0.00 17.58
C ARG A 402 12.73 -0.19 18.33
N GLN A 403 11.78 0.71 18.07
CA GLN A 403 10.45 0.60 18.64
C GLN A 403 9.62 -0.36 17.81
N MET A 404 9.33 -1.53 18.38
CA MET A 404 8.55 -2.54 17.66
C MET A 404 7.06 -2.30 17.82
N ASP A 405 6.70 -1.33 18.64
CA ASP A 405 5.33 -0.86 18.72
C ASP A 405 5.28 0.64 18.48
N LEU A 406 5.49 1.04 17.24
CA LEU A 406 5.48 2.46 16.87
C LEU A 406 4.11 3.07 17.07
N PRO A 407 4.09 4.34 17.53
CA PRO A 407 2.84 5.10 17.53
C PRO A 407 2.27 5.18 16.13
N ALA A 408 0.94 5.13 15.99
CA ALA A 408 0.29 5.09 14.68
C ALA A 408 0.73 6.25 13.79
N LYS A 409 0.75 7.44 14.39
CA LYS A 409 1.11 8.67 13.68
C LYS A 409 2.51 8.61 13.07
N LEU A 410 3.36 7.75 13.61
CA LEU A 410 4.69 7.55 13.06
C LEU A 410 4.74 6.31 12.19
N ALA A 411 4.05 5.26 12.64
CA ALA A 411 4.07 3.96 11.95
C ALA A 411 3.58 4.09 10.50
N ILE A 412 2.43 4.74 10.31
CA ILE A 412 1.86 4.84 8.97
C ILE A 412 2.79 5.55 7.94
N PRO A 413 3.24 6.78 8.25
CA PRO A 413 4.11 7.43 7.27
C PRO A 413 5.43 6.71 7.02
N MET A 414 6.00 6.09 8.06
CA MET A 414 7.28 5.41 7.89
C MET A 414 7.13 4.19 6.98
N ARG A 415 6.02 3.48 7.12
CA ARG A 415 5.72 2.33 6.27
C ARG A 415 5.59 2.78 4.81
N VAL A 416 4.79 3.82 4.60
CA VAL A 416 4.63 4.32 3.23
C VAL A 416 5.98 4.77 2.64
N ILE A 417 6.76 5.50 3.43
CA ILE A 417 8.07 5.98 3.00
C ILE A 417 8.99 4.82 2.62
N ALA A 418 8.93 3.72 3.38
CA ALA A 418 9.73 2.54 3.04
C ALA A 418 9.32 1.97 1.68
N SER A 419 8.01 1.85 1.45
CA SER A 419 7.54 1.34 0.17
C SER A 419 8.00 2.23 -0.99
N VAL A 420 7.83 3.54 -0.82
CA VAL A 420 8.22 4.51 -1.83
C VAL A 420 9.71 4.44 -2.13
N GLY A 421 10.53 4.42 -1.08
CA GLY A 421 11.98 4.32 -1.23
C GLY A 421 12.40 3.10 -2.02
N ALA A 422 11.77 1.97 -1.71
CA ALA A 422 12.04 0.74 -2.47
C ALA A 422 11.69 0.93 -3.95
N ILE A 423 10.56 1.58 -4.21
CA ILE A 423 10.16 1.85 -5.60
C ILE A 423 11.17 2.77 -6.31
N LEU A 424 11.67 3.78 -5.60
CA LEU A 424 12.66 4.69 -6.15
C LEU A 424 13.92 3.92 -6.54
N CYS A 425 14.28 2.95 -5.71
CA CYS A 425 15.43 2.11 -6.02
C CYS A 425 15.19 1.22 -7.22
N GLN A 426 14.00 0.71 -7.41
CA GLN A 426 13.66 -0.04 -8.59
C GLN A 426 13.75 0.86 -9.83
N LEU A 427 13.31 2.09 -9.67
CA LEU A 427 13.32 3.04 -10.78
C LEU A 427 14.74 3.47 -11.15
N ASP A 428 15.69 3.27 -10.23
CA ASP A 428 17.06 3.75 -10.40
C ASP A 428 17.03 5.27 -10.58
N ALA A 429 16.17 5.93 -9.80
CA ALA A 429 15.88 7.34 -9.99
C ALA A 429 16.84 8.29 -9.26
N HIS A 430 17.24 9.34 -9.96
CA HIS A 430 17.93 10.48 -9.36
C HIS A 430 16.87 11.45 -8.85
N VAL A 431 16.88 11.70 -7.54
CA VAL A 431 15.84 12.51 -6.93
C VAL A 431 16.44 13.57 -6.02
N PRO A 432 16.02 14.84 -6.20
CA PRO A 432 16.45 15.90 -5.28
C PRO A 432 15.65 15.83 -3.99
N ILE A 433 15.83 14.76 -3.23
CA ILE A 433 15.05 14.54 -2.03
C ILE A 433 15.40 15.54 -0.93
N LYS A 434 16.63 16.07 -0.95
CA LYS A 434 17.03 17.08 0.04
C LYS A 434 16.14 18.32 -0.02
N ALA A 435 15.97 18.87 -1.21
CA ALA A 435 15.17 20.06 -1.40
C ALA A 435 13.69 19.80 -1.10
N LEU A 436 13.18 18.67 -1.61
CA LEU A 436 11.80 18.26 -1.34
C LEU A 436 11.54 18.16 0.16
N SER A 437 12.51 17.62 0.88
CA SER A 437 12.39 17.47 2.33
C SER A 437 12.42 18.84 3.02
N GLU A 438 13.31 19.71 2.56
CA GLU A 438 13.40 21.05 3.14
C GLU A 438 12.07 21.80 2.98
N GLU A 439 11.47 21.69 1.80
CA GLU A 439 10.25 22.45 1.54
C GLU A 439 9.00 21.81 2.15
N LEU A 440 8.92 20.48 2.14
CA LEU A 440 7.67 19.79 2.45
C LEU A 440 7.62 19.11 3.82
N ILE A 441 8.77 18.67 4.33
CA ILE A 441 8.77 17.91 5.57
C ILE A 441 9.03 18.79 6.78
N PRO A 442 8.03 18.90 7.67
CA PRO A 442 8.13 19.71 8.90
C PRO A 442 9.32 19.32 9.76
N GLY A 443 10.10 20.32 10.18
CA GLY A 443 11.20 20.10 11.10
C GLY A 443 12.52 19.71 10.48
N PHE A 444 12.53 19.44 9.17
CA PHE A 444 13.77 19.01 8.54
C PHE A 444 14.69 20.17 8.16
N ALA A 445 14.12 21.24 7.60
CA ALA A 445 14.92 22.40 7.19
C ALA A 445 15.68 22.99 8.36
N GLU A 446 16.83 23.59 8.07
CA GLU A 446 17.64 24.23 9.09
C GLU A 446 16.81 25.28 9.82
N PRO A 447 16.54 25.05 11.11
CA PRO A 447 15.64 25.89 11.91
C PRO A 447 16.26 27.23 12.28
N ASP A 448 17.53 27.42 11.94
CA ASP A 448 18.24 28.67 12.17
C ASP A 448 18.22 29.04 13.65
PB ADP B . -7.60 -2.85 -8.53
O1B ADP B . -6.65 -3.94 -8.97
O2B ADP B . -6.99 -1.83 -7.61
O3B ADP B . -8.97 -3.34 -8.10
PA ADP B . -6.90 -0.87 -10.40
O1A ADP B . -5.50 -1.31 -10.06
O2A ADP B . -7.45 0.47 -9.94
O3A ADP B . -7.91 -2.03 -9.88
O5' ADP B . -7.07 -1.00 -11.99
C5' ADP B . -6.40 -2.05 -12.68
C4' ADP B . -6.14 -1.66 -14.12
O4' ADP B . -7.24 -0.90 -14.63
C3' ADP B . -4.92 -0.79 -14.26
O3' ADP B . -3.78 -1.57 -14.63
C2' ADP B . -5.26 0.21 -15.34
O2' ADP B . -4.65 -0.21 -16.56
C1' ADP B . -6.77 0.15 -15.48
N9 ADP B . -7.32 1.45 -15.01
C8 ADP B . -7.83 1.70 -13.79
N7 ADP B . -8.23 3.00 -13.68
C5 ADP B . -7.98 3.60 -14.86
C6 ADP B . -8.15 4.95 -15.44
N6 ADP B . -8.69 5.96 -14.71
N1 ADP B . -7.75 5.15 -16.71
C2 ADP B . -7.20 4.17 -17.44
N3 ADP B . -7.01 2.92 -16.99
C4 ADP B . -7.37 2.57 -15.73
S SO4 C . 8.35 1.46 25.00
O1 SO4 C . 9.36 0.81 25.81
O2 SO4 C . 8.90 2.68 24.41
O3 SO4 C . 7.20 1.81 25.84
O4 SO4 C . 7.91 0.57 23.94
S SO4 D . -24.59 11.48 -14.53
O1 SO4 D . -24.20 10.98 -13.21
O2 SO4 D . -23.43 12.05 -15.20
O3 SO4 D . -25.63 12.51 -14.37
O4 SO4 D . -25.13 10.38 -15.32
S SO4 E . 0.85 24.43 -5.09
O1 SO4 E . 1.47 25.15 -6.18
O2 SO4 E . 1.61 23.21 -4.83
O3 SO4 E . -0.53 24.08 -5.45
O4 SO4 E . 0.84 25.26 -3.89
S SO4 F . -9.84 -7.38 19.72
O1 SO4 F . -9.23 -8.48 18.97
O2 SO4 F . -9.88 -6.18 18.89
O3 SO4 F . -9.05 -7.12 20.92
O4 SO4 F . -11.20 -7.75 20.11
S SO4 G . -26.72 -12.84 -10.38
O1 SO4 G . -26.47 -12.38 -11.74
O2 SO4 G . -25.46 -12.99 -9.68
O3 SO4 G . -27.42 -14.12 -10.41
O4 SO4 G . -27.55 -11.85 -9.68
S SO4 H . -25.56 0.85 2.03
O1 SO4 H . -26.05 1.02 0.67
O2 SO4 H . -24.69 1.97 2.38
O3 SO4 H . -24.82 -0.40 2.15
O4 SO4 H . -26.70 0.83 2.96
C1 GOL I . -22.80 9.45 -7.95
O1 GOL I . -21.77 8.93 -7.14
C2 GOL I . -23.20 8.40 -8.98
O2 GOL I . -22.72 7.14 -8.57
C3 GOL I . -24.73 8.35 -9.08
O3 GOL I . -25.10 7.35 -10.01
C1 GOL J . -5.13 19.28 7.17
O1 GOL J . -5.64 19.52 5.87
C2 GOL J . -3.61 19.23 7.11
O2 GOL J . -3.16 19.77 5.89
C3 GOL J . -3.03 20.04 8.27
O3 GOL J . -1.63 20.02 8.19
C1 GOL K . 15.23 14.63 -11.15
O1 GOL K . 16.56 15.07 -11.19
C2 GOL K . 14.34 15.53 -12.01
O2 GOL K . 13.57 14.75 -12.89
C3 GOL K . 13.41 16.34 -11.12
O3 GOL K . 12.43 16.98 -11.91
#